data_5X8Y
#
_entry.id   5X8Y
#
_cell.length_a   63.934
_cell.length_b   100.808
_cell.length_c   110.720
_cell.angle_alpha   90.00
_cell.angle_beta   90.00
_cell.angle_gamma   90.00
#
_symmetry.space_group_name_H-M   'C 2 2 21'
#
loop_
_entity.id
_entity.type
_entity.pdbx_description
1 polymer 'ZIKV NS1'
2 water water
#
_entity_poly.entity_id   1
_entity_poly.type   'polypeptide(L)'
_entity_poly.pdbx_seq_one_letter_code
;MASMREDYSLECDPAVIGTAVKGKEAVHSDLGYWIESEKNDTWRLKRAHLIEMKTCEWPKSHTLWTDGIEESDLIIPKSL
AGPLSHHNTREGYRTQMKGPWHSEELEIRFEECPGTKVHVEETCGTRGPSLRSTTASGRVIEEWCCRECTMPPLSFRAKD
GCWYGMEIRPRKEPESNLVRSMVTA
;
_entity_poly.pdbx_strand_id   A,B
#
# COMPACT_ATOMS: atom_id res chain seq x y z
N SER A 9 9.86 -12.76 10.58
CA SER A 9 11.24 -13.23 10.49
C SER A 9 11.52 -13.80 9.11
N LEU A 10 10.44 -14.19 8.42
CA LEU A 10 10.53 -14.71 7.05
C LEU A 10 10.23 -13.65 6.01
N GLU A 11 10.23 -12.38 6.41
CA GLU A 11 9.94 -11.31 5.46
C GLU A 11 11.23 -10.85 4.81
N CYS A 12 11.10 -10.34 3.58
CA CYS A 12 12.25 -9.78 2.92
C CYS A 12 12.74 -8.56 3.69
N ASP A 13 14.03 -8.26 3.54
CA ASP A 13 14.59 -7.11 4.23
C ASP A 13 13.95 -5.84 3.71
N PRO A 14 13.23 -5.09 4.54
CA PRO A 14 12.58 -3.86 4.06
C PRO A 14 13.55 -2.70 3.88
N ALA A 15 14.84 -2.89 4.20
CA ALA A 15 15.80 -1.82 4.06
C ALA A 15 16.03 -1.45 2.60
N VAL A 16 15.83 -2.39 1.68
CA VAL A 16 16.08 -2.17 0.27
C VAL A 16 14.81 -2.15 -0.56
N ILE A 17 13.65 -2.24 0.06
CA ILE A 17 12.39 -2.31 -0.67
C ILE A 17 11.94 -0.91 -1.03
N GLY A 18 11.53 -0.73 -2.29
CA GLY A 18 11.01 0.54 -2.76
C GLY A 18 9.70 0.38 -3.51
N THR A 19 8.64 0.99 -2.98
CA THR A 19 7.31 0.92 -3.56
C THR A 19 6.79 2.33 -3.76
N ALA A 20 6.19 2.61 -4.92
CA ALA A 20 5.72 3.95 -5.20
C ALA A 20 4.54 3.93 -6.16
N VAL A 21 3.62 4.89 -5.98
CA VAL A 21 2.53 5.15 -6.91
C VAL A 21 2.49 6.65 -7.20
N LYS A 22 2.22 6.99 -8.46
CA LYS A 22 1.93 8.36 -8.85
C LYS A 22 0.88 8.29 -9.95
N GLY A 23 -0.36 8.62 -9.63
CA GLY A 23 -1.41 8.59 -10.65
C GLY A 23 -1.82 7.19 -11.07
N LYS A 24 -1.50 6.83 -12.31
CA LYS A 24 -1.93 5.58 -12.92
C LYS A 24 -0.81 4.55 -13.05
N GLU A 25 0.35 4.81 -12.47
CA GLU A 25 1.49 3.89 -12.56
C GLU A 25 2.02 3.61 -11.16
N ALA A 26 2.45 2.35 -10.95
CA ALA A 26 2.99 1.93 -9.67
C ALA A 26 4.13 0.96 -9.88
N VAL A 27 5.08 0.96 -8.94
CA VAL A 27 6.22 0.06 -8.97
C VAL A 27 6.42 -0.54 -7.59
N HIS A 28 6.59 -1.86 -7.54
CA HIS A 28 7.05 -2.58 -6.36
C HIS A 28 8.45 -3.08 -6.67
N SER A 29 9.45 -2.46 -6.07
CA SER A 29 10.83 -2.73 -6.43
C SER A 29 11.59 -3.32 -5.25
N ASP A 30 12.68 -4.02 -5.58
CA ASP A 30 13.57 -4.64 -4.61
C ASP A 30 14.96 -4.67 -5.23
N LEU A 31 15.88 -5.44 -4.64
CA LEU A 31 17.21 -5.55 -5.22
C LEU A 31 17.14 -6.21 -6.59
N GLY A 32 16.36 -7.28 -6.70
CA GLY A 32 16.22 -8.02 -7.93
C GLY A 32 14.84 -7.94 -8.55
N TYR A 33 13.86 -7.44 -7.79
CA TYR A 33 12.48 -7.41 -8.25
C TYR A 33 12.12 -6.00 -8.71
N TRP A 34 11.48 -5.90 -9.87
CA TRP A 34 10.97 -4.64 -10.41
C TRP A 34 9.58 -4.93 -10.99
N ILE A 35 8.55 -4.72 -10.17
CA ILE A 35 7.19 -5.12 -10.50
C ILE A 35 6.39 -3.86 -10.80
N GLU A 36 5.99 -3.69 -12.05
CA GLU A 36 5.23 -2.54 -12.53
C GLU A 36 3.75 -2.86 -12.67
N SER A 37 2.90 -1.97 -12.13
CA SER A 37 1.47 -2.06 -12.30
C SER A 37 0.92 -0.76 -12.87
N GLU A 38 -0.20 -0.85 -13.58
CA GLU A 38 -0.85 0.30 -14.18
C GLU A 38 -2.35 0.22 -13.93
N LYS A 39 -3.04 1.33 -14.16
CA LYS A 39 -4.49 1.39 -14.08
C LYS A 39 -5.04 1.60 -15.49
N ASN A 40 -5.73 0.59 -16.02
CA ASN A 40 -6.22 0.65 -17.39
C ASN A 40 -7.33 -0.37 -17.66
N ASP A 41 -8.57 -0.07 -17.25
CA ASP A 41 -8.87 1.12 -16.48
C ASP A 41 -9.06 0.71 -15.03
N THR A 42 -8.56 -0.47 -14.70
CA THR A 42 -8.43 -0.94 -13.33
C THR A 42 -6.98 -1.35 -13.09
N TRP A 43 -6.58 -1.39 -11.83
CA TRP A 43 -5.20 -1.70 -11.50
C TRP A 43 -4.89 -3.17 -11.79
N ARG A 44 -3.76 -3.41 -12.45
CA ARG A 44 -3.35 -4.74 -12.85
C ARG A 44 -1.83 -4.74 -13.02
N LEU A 45 -1.26 -5.94 -13.08
CA LEU A 45 0.17 -6.07 -13.33
C LEU A 45 0.49 -5.71 -14.77
N LYS A 46 1.48 -4.82 -14.95
CA LYS A 46 1.88 -4.38 -16.28
C LYS A 46 3.03 -5.23 -16.82
N ARG A 47 4.15 -5.25 -16.11
CA ARG A 47 5.30 -6.07 -16.47
C ARG A 47 6.19 -6.18 -15.25
N ALA A 48 7.06 -7.19 -15.25
CA ALA A 48 7.94 -7.43 -14.11
C ALA A 48 9.26 -8.00 -14.59
N HIS A 49 10.33 -7.68 -13.85
CA HIS A 49 11.67 -8.14 -14.16
C HIS A 49 12.32 -8.63 -12.87
N LEU A 50 12.65 -9.92 -12.82
CA LEU A 50 13.22 -10.56 -11.64
C LEU A 50 14.56 -11.18 -12.02
N ILE A 51 15.63 -10.77 -11.34
CA ILE A 51 16.96 -11.31 -11.62
C ILE A 51 17.42 -12.31 -10.56
N GLU A 52 16.97 -12.18 -9.31
CA GLU A 52 17.35 -13.12 -8.26
C GLU A 52 16.07 -13.60 -7.60
N MET A 53 15.70 -14.84 -7.83
CA MET A 53 14.52 -15.37 -7.16
C MET A 53 14.81 -15.60 -5.69
N LYS A 54 13.84 -15.27 -4.84
CA LYS A 54 13.98 -15.40 -3.40
C LYS A 54 12.70 -15.98 -2.82
N THR A 55 12.79 -16.46 -1.58
CA THR A 55 11.69 -17.16 -0.95
C THR A 55 11.19 -16.48 0.32
N CYS A 56 11.60 -15.25 0.60
CA CYS A 56 11.03 -14.51 1.71
C CYS A 56 9.59 -14.10 1.39
N GLU A 57 8.93 -13.48 2.37
CA GLU A 57 7.57 -12.99 2.19
C GLU A 57 7.60 -11.47 2.12
N TRP A 58 7.02 -10.89 1.07
CA TRP A 58 7.08 -9.45 0.89
C TRP A 58 6.28 -8.77 2.00
N PRO A 59 6.88 -7.85 2.75
CA PRO A 59 6.20 -7.27 3.91
C PRO A 59 5.02 -6.40 3.52
N LYS A 60 3.92 -6.54 4.28
CA LYS A 60 2.71 -5.77 4.03
C LYS A 60 2.93 -4.27 4.23
N SER A 61 3.90 -3.89 5.08
CA SER A 61 4.16 -2.48 5.31
C SER A 61 4.63 -1.79 4.05
N HIS A 62 5.30 -2.52 3.15
CA HIS A 62 5.85 -1.98 1.91
C HIS A 62 5.02 -2.38 0.70
N THR A 63 3.73 -2.66 0.90
CA THR A 63 2.86 -3.13 -0.17
C THR A 63 1.60 -2.27 -0.20
N LEU A 64 1.11 -2.04 -1.41
CA LEU A 64 -0.09 -1.24 -1.63
C LEU A 64 -1.31 -2.13 -1.80
N TRP A 65 -2.44 -1.69 -1.27
CA TRP A 65 -3.72 -2.35 -1.47
C TRP A 65 -3.63 -3.84 -1.13
N THR A 66 -3.50 -4.10 0.17
CA THR A 66 -3.33 -5.46 0.70
C THR A 66 -4.64 -6.10 1.15
N ASP A 67 -5.79 -5.51 0.84
CA ASP A 67 -7.07 -5.97 1.37
C ASP A 67 -7.79 -6.90 0.40
N GLY A 68 -8.43 -7.94 0.95
CA GLY A 68 -9.32 -8.77 0.18
C GLY A 68 -8.72 -9.37 -1.07
N ILE A 69 -7.49 -9.88 -0.98
CA ILE A 69 -6.89 -10.63 -2.07
C ILE A 69 -6.79 -12.08 -1.60
N GLU A 70 -6.92 -13.01 -2.54
CA GLU A 70 -6.63 -14.41 -2.31
C GLU A 70 -5.35 -14.79 -3.03
N GLU A 71 -4.54 -15.65 -2.40
CA GLU A 71 -3.26 -16.02 -2.98
C GLU A 71 -3.39 -16.67 -4.35
N SER A 72 -4.57 -17.20 -4.68
CA SER A 72 -4.79 -17.80 -5.99
C SER A 72 -4.77 -16.78 -7.11
N ASP A 73 -5.03 -15.51 -6.82
CA ASP A 73 -5.04 -14.48 -7.86
C ASP A 73 -3.73 -13.72 -7.98
N LEU A 74 -2.74 -14.01 -7.15
CA LEU A 74 -1.45 -13.32 -7.23
C LEU A 74 -0.66 -13.89 -8.39
N ILE A 75 -0.35 -13.03 -9.37
CA ILE A 75 0.38 -13.49 -10.55
C ILE A 75 1.74 -14.04 -10.14
N ILE A 76 2.50 -13.25 -9.39
CA ILE A 76 3.77 -13.70 -8.83
C ILE A 76 3.45 -14.39 -7.49
N PRO A 77 3.81 -15.66 -7.33
CA PRO A 77 3.38 -16.39 -6.12
C PRO A 77 3.89 -15.73 -4.84
N LYS A 78 3.07 -15.84 -3.80
CA LYS A 78 3.44 -15.33 -2.49
C LYS A 78 4.70 -16.04 -1.97
N SER A 79 4.83 -17.34 -2.27
CA SER A 79 6.00 -18.07 -1.80
C SER A 79 7.29 -17.57 -2.42
N LEU A 80 7.22 -16.99 -3.62
CA LEU A 80 8.37 -16.43 -4.30
C LEU A 80 8.55 -14.93 -4.03
N ALA A 81 8.16 -14.47 -2.84
CA ALA A 81 8.27 -13.07 -2.45
C ALA A 81 7.45 -12.17 -3.36
N GLY A 82 6.35 -12.67 -3.89
CA GLY A 82 5.44 -11.84 -4.64
C GLY A 82 4.65 -10.98 -3.69
N PRO A 83 4.46 -9.71 -4.05
CA PRO A 83 3.74 -8.80 -3.16
C PRO A 83 2.28 -9.20 -3.06
N LEU A 84 1.75 -9.12 -1.84
CA LEU A 84 0.35 -9.46 -1.57
C LEU A 84 -0.52 -8.24 -1.88
N SER A 85 -0.67 -7.98 -3.17
CA SER A 85 -1.30 -6.75 -3.63
C SER A 85 -2.25 -7.04 -4.79
N HIS A 86 -3.30 -6.21 -4.89
CA HIS A 86 -4.08 -6.16 -6.11
C HIS A 86 -3.25 -5.70 -7.30
N HIS A 87 -2.15 -5.00 -7.05
CA HIS A 87 -1.25 -4.64 -8.14
C HIS A 87 -0.56 -5.87 -8.72
N ASN A 88 -0.56 -6.97 -7.99
CA ASN A 88 0.02 -8.24 -8.44
C ASN A 88 -1.06 -9.16 -9.01
N THR A 89 -1.98 -8.62 -9.83
CA THR A 89 -3.07 -9.40 -10.38
C THR A 89 -3.28 -9.04 -11.83
N ARG A 90 -3.94 -9.93 -12.55
CA ARG A 90 -4.36 -9.73 -13.93
C ARG A 90 -5.59 -10.59 -14.18
N GLU A 91 -6.60 -10.01 -14.82
CA GLU A 91 -7.86 -10.72 -14.99
C GLU A 91 -7.70 -11.89 -15.94
N GLY A 92 -8.31 -13.03 -15.57
CA GLY A 92 -8.22 -14.25 -16.34
C GLY A 92 -6.99 -15.10 -16.06
N TYR A 93 -6.13 -14.68 -15.13
CA TYR A 93 -4.95 -15.43 -14.77
C TYR A 93 -4.95 -15.67 -13.27
N ARG A 94 -4.32 -16.77 -12.85
CA ARG A 94 -4.17 -17.13 -11.46
C ARG A 94 -2.70 -17.28 -11.12
N THR A 95 -2.41 -17.69 -9.88
CA THR A 95 -1.02 -17.81 -9.43
C THR A 95 -0.21 -18.70 -10.36
N GLN A 96 0.96 -18.21 -10.75
CA GLN A 96 1.86 -18.95 -11.63
C GLN A 96 2.84 -19.79 -10.80
N MET A 97 2.29 -20.84 -10.17
CA MET A 97 3.10 -21.74 -9.36
C MET A 97 4.13 -22.48 -10.20
N LYS A 98 3.69 -23.09 -11.29
CA LYS A 98 4.54 -23.86 -12.19
C LYS A 98 4.95 -22.99 -13.38
N GLY A 99 5.82 -22.04 -13.09
CA GLY A 99 6.35 -21.17 -14.10
C GLY A 99 7.83 -21.42 -14.30
N PRO A 100 8.41 -20.81 -15.27
CA PRO A 100 9.84 -21.04 -15.54
C PRO A 100 10.73 -20.30 -14.55
N TRP A 101 10.53 -20.59 -13.26
CA TRP A 101 11.27 -19.91 -12.21
C TRP A 101 12.68 -20.45 -12.03
N HIS A 102 13.07 -21.48 -12.77
CA HIS A 102 14.43 -22.00 -12.66
C HIS A 102 15.45 -21.03 -13.23
N SER A 103 15.04 -20.19 -14.16
CA SER A 103 15.97 -19.27 -14.81
C SER A 103 16.40 -18.18 -13.84
N GLU A 104 17.54 -17.55 -14.17
CA GLU A 104 18.05 -16.48 -13.31
C GLU A 104 17.37 -15.16 -13.63
N GLU A 105 17.41 -14.74 -14.89
CA GLU A 105 16.78 -13.50 -15.32
C GLU A 105 15.43 -13.81 -15.96
N LEU A 106 14.37 -13.22 -15.40
CA LEU A 106 13.02 -13.45 -15.87
C LEU A 106 12.32 -12.13 -16.11
N GLU A 107 11.60 -12.04 -17.22
CA GLU A 107 10.75 -10.89 -17.51
C GLU A 107 9.33 -11.37 -17.76
N ILE A 108 8.40 -10.88 -16.95
CA ILE A 108 6.97 -11.14 -17.10
C ILE A 108 6.40 -9.98 -17.89
N ARG A 109 5.74 -10.28 -19.01
CA ARG A 109 5.14 -9.23 -19.80
C ARG A 109 3.96 -9.80 -20.57
N PHE A 110 3.03 -8.91 -20.93
CA PHE A 110 1.79 -9.30 -21.61
C PHE A 110 1.96 -8.96 -23.09
N GLU A 111 2.44 -9.95 -23.84
CA GLU A 111 2.76 -9.82 -25.25
C GLU A 111 2.87 -11.22 -25.81
N GLU A 112 2.48 -11.37 -27.08
CA GLU A 112 2.62 -12.66 -27.74
C GLU A 112 4.10 -12.97 -27.97
N CYS A 113 4.44 -14.24 -27.90
CA CYS A 113 5.79 -14.64 -28.23
C CYS A 113 6.02 -14.51 -29.74
N PRO A 114 7.27 -14.31 -30.16
CA PRO A 114 7.54 -14.11 -31.59
C PRO A 114 7.07 -15.30 -32.42
N GLY A 115 6.26 -15.01 -33.43
CA GLY A 115 5.75 -16.06 -34.31
C GLY A 115 4.76 -17.01 -33.66
N THR A 116 3.95 -16.51 -32.72
CA THR A 116 2.97 -17.33 -32.03
C THR A 116 1.64 -16.58 -31.99
N LYS A 117 0.58 -17.33 -31.71
CA LYS A 117 -0.75 -16.74 -31.53
C LYS A 117 -1.51 -17.48 -30.45
N VAL A 118 -2.39 -16.76 -29.79
CA VAL A 118 -3.23 -17.30 -28.71
C VAL A 118 -4.67 -16.95 -29.04
N HIS A 119 -5.56 -17.93 -28.89
CA HIS A 119 -6.99 -17.76 -29.16
C HIS A 119 -7.78 -18.12 -27.91
N VAL A 120 -8.88 -17.40 -27.70
CA VAL A 120 -9.78 -17.68 -26.58
C VAL A 120 -10.77 -18.72 -27.08
N GLU A 121 -10.53 -19.98 -26.72
CA GLU A 121 -11.38 -21.08 -27.14
C GLU A 121 -11.74 -21.89 -25.89
N GLU A 122 -13.01 -21.90 -25.52
CA GLU A 122 -13.43 -22.71 -24.38
C GLU A 122 -13.13 -24.18 -24.61
N THR A 123 -13.02 -24.61 -25.86
CA THR A 123 -12.62 -25.96 -26.21
C THR A 123 -11.09 -26.06 -26.27
N CYS A 124 -10.47 -25.74 -25.13
CA CYS A 124 -9.02 -25.72 -25.02
C CYS A 124 -8.63 -26.37 -23.69
N GLY A 125 -7.36 -26.74 -23.58
CA GLY A 125 -6.87 -27.38 -22.39
C GLY A 125 -6.91 -26.46 -21.19
N THR A 126 -6.88 -27.07 -20.01
CA THR A 126 -6.95 -26.31 -18.76
C THR A 126 -5.53 -25.86 -18.39
N ARG A 127 -5.44 -25.10 -17.30
CA ARG A 127 -4.13 -24.61 -16.87
C ARG A 127 -3.24 -25.79 -16.47
N GLY A 128 -1.98 -25.72 -16.88
CA GLY A 128 -1.01 -26.74 -16.60
C GLY A 128 0.38 -26.14 -16.50
N PRO A 129 1.41 -26.97 -16.39
CA PRO A 129 2.77 -26.45 -16.28
C PRO A 129 3.10 -25.55 -17.46
N SER A 130 3.88 -24.51 -17.18
CA SER A 130 4.22 -23.53 -18.21
C SER A 130 5.00 -24.19 -19.34
N LEU A 131 4.66 -23.81 -20.57
CA LEU A 131 5.26 -24.40 -21.76
C LEU A 131 6.12 -23.37 -22.46
N ARG A 132 7.29 -23.79 -22.92
CA ARG A 132 8.10 -22.94 -23.77
C ARG A 132 7.53 -22.90 -25.18
N SER A 133 7.84 -21.83 -25.89
CA SER A 133 7.34 -21.63 -27.25
C SER A 133 8.20 -22.29 -28.32
N THR A 134 9.34 -22.88 -27.94
CA THR A 134 10.22 -23.55 -28.87
C THR A 134 10.43 -24.99 -28.44
N THR A 135 10.37 -25.90 -29.41
CA THR A 135 10.57 -27.31 -29.13
C THR A 135 11.99 -27.58 -28.65
N ALA A 136 12.20 -28.77 -28.11
CA ALA A 136 13.56 -29.22 -27.80
C ALA A 136 14.40 -29.27 -29.06
N SER A 137 13.77 -29.51 -30.21
CA SER A 137 14.45 -29.38 -31.49
C SER A 137 14.78 -27.93 -31.82
N GLY A 138 14.04 -26.98 -31.26
CA GLY A 138 14.29 -25.57 -31.49
C GLY A 138 13.35 -24.90 -32.47
N ARG A 139 12.26 -25.57 -32.86
CA ARG A 139 11.32 -25.04 -33.84
C ARG A 139 10.15 -24.35 -33.15
N VAL A 140 9.64 -23.30 -33.80
CA VAL A 140 8.57 -22.50 -33.24
C VAL A 140 7.25 -23.28 -33.27
N ILE A 141 6.38 -22.99 -32.30
CA ILE A 141 5.04 -23.56 -32.21
C ILE A 141 4.06 -22.42 -32.44
N GLU A 142 3.42 -22.41 -33.61
CA GLU A 142 2.70 -21.22 -34.07
C GLU A 142 1.42 -20.97 -33.26
N GLU A 143 0.63 -22.01 -33.02
CA GLU A 143 -0.74 -21.83 -32.52
C GLU A 143 -0.87 -22.27 -31.07
N TRP A 144 -1.47 -21.40 -30.26
CA TRP A 144 -1.79 -21.67 -28.85
C TRP A 144 -3.22 -21.24 -28.57
N CYS A 145 -3.81 -21.81 -27.53
CA CYS A 145 -5.19 -21.51 -27.16
C CYS A 145 -5.29 -21.15 -25.68
N CYS A 146 -6.39 -20.49 -25.34
CA CYS A 146 -6.70 -20.11 -23.96
C CYS A 146 -8.18 -20.33 -23.72
N ARG A 147 -8.52 -20.71 -22.49
CA ARG A 147 -9.90 -20.99 -22.13
C ARG A 147 -10.58 -19.83 -21.41
N GLU A 148 -9.89 -19.16 -20.49
CA GLU A 148 -10.47 -18.08 -19.71
C GLU A 148 -9.62 -16.81 -19.64
N CYS A 149 -8.32 -16.89 -19.90
CA CYS A 149 -7.43 -15.75 -19.77
C CYS A 149 -7.79 -14.66 -20.77
N THR A 150 -7.21 -13.49 -20.53
CA THR A 150 -7.44 -12.29 -21.32
C THR A 150 -6.22 -11.97 -22.19
N MET A 151 -6.43 -11.06 -23.14
CA MET A 151 -5.38 -10.62 -24.05
C MET A 151 -4.95 -9.19 -23.73
N PRO A 152 -3.67 -8.86 -23.94
CA PRO A 152 -2.57 -9.70 -24.44
C PRO A 152 -2.20 -10.83 -23.48
N PRO A 153 -1.62 -11.91 -24.02
CA PRO A 153 -1.37 -13.09 -23.20
C PRO A 153 -0.15 -12.93 -22.31
N LEU A 154 -0.25 -13.45 -21.08
CA LEU A 154 0.87 -13.48 -20.15
C LEU A 154 1.99 -14.34 -20.71
N SER A 155 3.21 -13.81 -20.67
CA SER A 155 4.37 -14.52 -21.19
C SER A 155 5.56 -14.32 -20.25
N PHE A 156 6.53 -15.22 -20.37
CA PHE A 156 7.79 -15.15 -19.65
C PHE A 156 8.92 -15.06 -20.66
N ARG A 157 9.78 -14.05 -20.53
CA ARG A 157 10.93 -13.87 -21.41
C ARG A 157 12.18 -14.24 -20.63
N ALA A 158 12.82 -15.34 -21.01
CA ALA A 158 14.01 -15.84 -20.34
C ALA A 158 15.15 -16.02 -21.34
N LYS A 159 16.29 -16.50 -20.84
CA LYS A 159 17.45 -16.68 -21.71
C LYS A 159 17.18 -17.72 -22.79
N ASP A 160 16.43 -18.76 -22.46
CA ASP A 160 16.22 -19.86 -23.39
C ASP A 160 15.04 -19.65 -24.32
N GLY A 161 14.36 -18.51 -24.24
CA GLY A 161 13.26 -18.23 -25.14
C GLY A 161 12.05 -17.63 -24.47
N CYS A 162 10.87 -17.85 -25.05
CA CYS A 162 9.63 -17.28 -24.56
C CYS A 162 8.80 -18.40 -23.95
N TRP A 163 8.34 -18.19 -22.71
CA TRP A 163 7.49 -19.13 -22.00
C TRP A 163 6.08 -18.54 -21.87
N TYR A 164 5.07 -19.38 -22.05
CA TYR A 164 3.68 -18.95 -21.95
C TYR A 164 3.08 -19.29 -20.59
N GLY A 165 2.03 -18.56 -20.25
CA GLY A 165 1.33 -18.80 -19.00
C GLY A 165 0.61 -20.15 -19.01
N MET A 166 0.17 -20.54 -17.81
CA MET A 166 -0.51 -21.83 -17.67
C MET A 166 -1.82 -21.87 -18.43
N GLU A 167 -2.60 -20.80 -18.36
CA GLU A 167 -3.88 -20.74 -19.05
C GLU A 167 -3.71 -20.91 -20.55
N ILE A 168 -2.50 -20.68 -21.05
CA ILE A 168 -2.21 -20.71 -22.48
C ILE A 168 -1.65 -22.09 -22.82
N ARG A 169 -2.34 -22.78 -23.72
CA ARG A 169 -2.03 -24.15 -24.14
C ARG A 169 -1.92 -24.18 -25.64
N PRO A 170 -1.20 -25.15 -26.21
CA PRO A 170 -1.06 -25.20 -27.67
C PRO A 170 -2.25 -25.87 -28.34
N ARG A 171 -2.45 -25.51 -29.61
CA ARG A 171 -3.54 -26.02 -30.42
C ARG A 171 -3.04 -27.12 -31.34
N LYS A 172 -3.68 -28.29 -31.27
CA LYS A 172 -3.29 -29.46 -32.07
C LYS A 172 -1.80 -29.75 -32.01
N GLU A 173 -1.20 -29.56 -30.83
CA GLU A 173 0.20 -29.89 -30.68
C GLU A 173 0.38 -30.82 -29.48
N PRO A 174 1.18 -31.87 -29.61
CA PRO A 174 1.33 -32.83 -28.51
C PRO A 174 2.20 -32.24 -27.42
N GLU A 175 1.59 -31.92 -26.28
CA GLU A 175 2.26 -31.32 -25.14
C GLU A 175 3.41 -32.18 -24.60
N SER A 176 3.60 -33.37 -25.16
CA SER A 176 4.66 -34.25 -24.68
C SER A 176 6.01 -33.92 -25.30
N ASN A 177 6.03 -33.42 -26.54
CA ASN A 177 7.30 -33.03 -27.17
C ASN A 177 7.88 -31.77 -26.54
N LEU A 178 7.02 -30.88 -26.05
CA LEU A 178 7.43 -29.55 -25.61
C LEU A 178 8.28 -29.63 -24.34
N VAL A 179 8.89 -28.50 -24.01
CA VAL A 179 9.66 -28.33 -22.78
C VAL A 179 8.76 -27.71 -21.73
N ARG A 180 8.71 -28.33 -20.55
CA ARG A 180 7.85 -27.90 -19.47
C ARG A 180 8.68 -27.66 -18.22
N SER A 181 8.33 -26.61 -17.48
CA SER A 181 8.99 -26.33 -16.21
C SER A 181 8.58 -27.36 -15.16
N MET A 182 9.53 -27.73 -14.30
CA MET A 182 9.25 -28.68 -13.24
C MET A 182 9.60 -28.07 -11.89
N VAL A 183 8.95 -26.94 -11.57
CA VAL A 183 9.11 -26.26 -10.30
C VAL A 183 7.74 -25.78 -9.83
N THR A 184 7.61 -25.60 -8.52
CA THR A 184 6.36 -25.11 -7.93
C THR A 184 6.67 -24.16 -6.77
N SER B 9 -16.74 8.81 -8.19
CA SER B 9 -17.23 8.12 -7.00
C SER B 9 -17.02 8.97 -5.76
N LEU B 10 -16.83 8.32 -4.61
CA LEU B 10 -16.60 9.01 -3.35
C LEU B 10 -15.13 9.05 -2.98
N GLU B 11 -14.24 8.67 -3.89
CA GLU B 11 -12.80 8.67 -3.63
C GLU B 11 -12.14 9.94 -4.16
N CYS B 12 -11.03 10.30 -3.53
CA CYS B 12 -10.24 11.42 -4.02
C CYS B 12 -9.68 11.10 -5.40
N ASP B 13 -9.39 12.15 -6.16
CA ASP B 13 -8.85 11.97 -7.49
C ASP B 13 -7.48 11.32 -7.40
N PRO B 14 -7.31 10.11 -7.93
CA PRO B 14 -6.00 9.44 -7.86
C PRO B 14 -4.98 9.97 -8.85
N ALA B 15 -5.34 10.95 -9.69
CA ALA B 15 -4.41 11.46 -10.70
C ALA B 15 -3.24 12.21 -10.08
N VAL B 16 -3.42 12.79 -8.91
CA VAL B 16 -2.39 13.61 -8.26
C VAL B 16 -1.85 12.95 -7.00
N ILE B 17 -2.27 11.73 -6.68
CA ILE B 17 -1.85 11.07 -5.45
C ILE B 17 -0.48 10.44 -5.65
N GLY B 18 0.41 10.69 -4.69
CA GLY B 18 1.73 10.10 -4.72
C GLY B 18 2.11 9.47 -3.39
N THR B 19 2.32 8.16 -3.38
CA THR B 19 2.67 7.41 -2.18
C THR B 19 3.94 6.62 -2.45
N ALA B 20 4.86 6.60 -1.47
CA ALA B 20 6.13 5.92 -1.67
C ALA B 20 6.68 5.44 -0.33
N VAL B 21 7.41 4.32 -0.37
CA VAL B 21 8.17 3.82 0.76
C VAL B 21 9.58 3.50 0.31
N LYS B 22 10.56 3.84 1.14
CA LYS B 22 11.93 3.38 0.94
C LYS B 22 12.51 3.16 2.34
N GLY B 23 12.64 1.90 2.74
CA GLY B 23 13.20 1.57 4.03
C GLY B 23 12.30 1.86 5.22
N LYS B 24 12.70 2.82 6.05
CA LYS B 24 12.00 3.13 7.28
C LYS B 24 11.16 4.41 7.20
N GLU B 25 11.04 5.00 6.02
CA GLU B 25 10.28 6.21 5.83
C GLU B 25 9.25 6.01 4.72
N ALA B 26 8.07 6.57 4.92
CA ALA B 26 6.98 6.47 3.96
C ALA B 26 6.23 7.79 3.91
N VAL B 27 5.66 8.10 2.75
CA VAL B 27 4.85 9.30 2.55
C VAL B 27 3.59 8.92 1.80
N HIS B 28 2.44 9.38 2.30
CA HIS B 28 1.18 9.36 1.57
C HIS B 28 0.87 10.81 1.21
N SER B 29 1.05 11.17 -0.06
CA SER B 29 0.95 12.55 -0.48
C SER B 29 -0.11 12.74 -1.55
N ASP B 30 -0.61 13.96 -1.63
CA ASP B 30 -1.52 14.41 -2.68
C ASP B 30 -1.31 15.90 -2.85
N LEU B 31 -2.27 16.59 -3.47
CA LEU B 31 -2.13 18.03 -3.69
C LEU B 31 -2.07 18.80 -2.37
N GLY B 32 -2.93 18.46 -1.42
CA GLY B 32 -2.95 19.20 -0.17
C GLY B 32 -2.50 18.45 1.06
N TYR B 33 -2.38 17.13 0.96
CA TYR B 33 -2.01 16.28 2.08
C TYR B 33 -0.57 15.80 1.92
N TRP B 34 0.20 15.87 3.01
CA TRP B 34 1.57 15.35 3.05
C TRP B 34 1.75 14.61 4.37
N ILE B 35 1.53 13.31 4.34
CA ILE B 35 1.49 12.47 5.54
C ILE B 35 2.75 11.61 5.55
N GLU B 36 3.63 11.87 6.51
CA GLU B 36 4.88 11.13 6.66
C GLU B 36 4.73 10.11 7.78
N SER B 37 5.16 8.88 7.52
CA SER B 37 5.21 7.84 8.53
C SER B 37 6.62 7.31 8.64
N GLU B 38 6.96 6.78 9.81
CA GLU B 38 8.30 6.28 10.06
C GLU B 38 8.24 4.91 10.70
N LYS B 39 9.35 4.19 10.59
CA LYS B 39 9.52 2.88 11.21
C LYS B 39 10.41 3.07 12.44
N ASN B 40 9.84 2.84 13.63
CA ASN B 40 10.57 2.88 14.89
C ASN B 40 10.06 1.69 15.69
N ASP B 41 10.62 0.51 15.41
CA ASP B 41 10.17 -0.78 15.91
C ASP B 41 8.79 -1.14 15.35
N THR B 42 7.87 -0.19 15.34
CA THR B 42 6.58 -0.37 14.68
C THR B 42 6.30 0.83 13.78
N TRP B 43 5.47 0.60 12.76
CA TRP B 43 5.11 1.68 11.86
C TRP B 43 4.12 2.61 12.55
N ARG B 44 4.34 3.91 12.40
CA ARG B 44 3.52 4.89 13.07
C ARG B 44 3.56 6.19 12.28
N LEU B 45 2.59 7.06 12.56
CA LEU B 45 2.57 8.38 11.97
C LEU B 45 3.69 9.24 12.55
N LYS B 46 4.50 9.84 11.69
CA LYS B 46 5.60 10.69 12.10
C LYS B 46 5.19 12.16 12.18
N ARG B 47 4.70 12.70 11.07
CA ARG B 47 4.21 14.07 11.03
C ARG B 47 3.33 14.22 9.81
N ALA B 48 2.50 15.26 9.81
CA ALA B 48 1.57 15.49 8.72
C ALA B 48 1.39 16.98 8.50
N HIS B 49 1.17 17.34 7.23
CA HIS B 49 0.92 18.73 6.84
C HIS B 49 -0.24 18.75 5.87
N LEU B 50 -1.33 19.41 6.26
CA LEU B 50 -2.56 19.47 5.48
C LEU B 50 -2.90 20.93 5.22
N ILE B 51 -3.04 21.30 3.93
CA ILE B 51 -3.34 22.68 3.60
C ILE B 51 -4.79 22.87 3.17
N GLU B 52 -5.40 21.85 2.56
CA GLU B 52 -6.81 21.91 2.19
C GLU B 52 -7.52 20.64 2.62
N MET B 53 -8.43 20.78 3.58
CA MET B 53 -9.24 19.66 4.06
C MET B 53 -10.20 19.20 2.99
N LYS B 54 -10.41 17.87 2.93
CA LYS B 54 -11.28 17.28 1.94
C LYS B 54 -12.14 16.22 2.61
N THR B 55 -13.21 15.84 1.91
CA THR B 55 -14.17 14.86 2.43
C THR B 55 -14.26 13.64 1.54
N CYS B 56 -13.37 13.49 0.56
CA CYS B 56 -13.31 12.28 -0.25
C CYS B 56 -12.71 11.13 0.57
N GLU B 57 -12.65 9.96 -0.07
CA GLU B 57 -12.10 8.75 0.52
C GLU B 57 -10.79 8.41 -0.18
N TRP B 58 -9.71 8.27 0.58
CA TRP B 58 -8.41 7.98 -0.01
C TRP B 58 -8.41 6.58 -0.60
N PRO B 59 -8.07 6.42 -1.88
CA PRO B 59 -8.19 5.09 -2.52
C PRO B 59 -7.20 4.09 -1.96
N LYS B 60 -7.68 2.87 -1.73
CA LYS B 60 -6.81 1.80 -1.24
C LYS B 60 -5.73 1.45 -2.25
N SER B 61 -5.96 1.72 -3.54
CA SER B 61 -4.93 1.43 -4.54
C SER B 61 -3.68 2.26 -4.27
N HIS B 62 -3.84 3.43 -3.67
CA HIS B 62 -2.75 4.34 -3.38
C HIS B 62 -2.40 4.35 -1.89
N THR B 63 -2.66 3.24 -1.20
CA THR B 63 -2.43 3.16 0.23
C THR B 63 -1.61 1.93 0.58
N LEU B 64 -0.72 2.06 1.57
CA LEU B 64 0.17 0.99 2.00
C LEU B 64 -0.38 0.31 3.25
N TRP B 65 -0.24 -1.01 3.29
CA TRP B 65 -0.60 -1.79 4.47
C TRP B 65 -2.03 -1.44 4.92
N THR B 66 -2.97 -1.86 4.09
CA THR B 66 -4.38 -1.58 4.31
C THR B 66 -5.07 -2.71 5.05
N ASP B 67 -4.31 -3.70 5.51
CA ASP B 67 -4.86 -4.94 6.04
C ASP B 67 -4.99 -4.87 7.57
N GLY B 68 -6.08 -5.42 8.07
CA GLY B 68 -6.27 -5.57 9.51
C GLY B 68 -6.18 -4.29 10.32
N ILE B 69 -6.79 -3.20 9.84
CA ILE B 69 -6.90 -1.97 10.60
C ILE B 69 -8.35 -1.78 10.98
N GLU B 70 -8.58 -1.16 12.14
CA GLU B 70 -9.88 -0.66 12.51
C GLU B 70 -9.85 0.86 12.43
N GLU B 71 -10.94 1.45 11.91
CA GLU B 71 -10.98 2.89 11.70
C GLU B 71 -10.83 3.68 12.99
N SER B 72 -11.09 3.07 14.15
CA SER B 72 -10.94 3.79 15.40
C SER B 72 -9.48 4.14 15.71
N ASP B 73 -8.53 3.44 15.11
CA ASP B 73 -7.12 3.69 15.35
C ASP B 73 -6.47 4.59 14.30
N LEU B 74 -7.22 5.02 13.29
CA LEU B 74 -6.70 5.92 12.26
C LEU B 74 -6.61 7.34 12.84
N ILE B 75 -5.40 7.90 12.89
CA ILE B 75 -5.23 9.23 13.45
C ILE B 75 -6.02 10.26 12.64
N ILE B 76 -5.82 10.27 11.33
CA ILE B 76 -6.59 11.15 10.44
C ILE B 76 -7.87 10.41 10.06
N PRO B 77 -9.04 10.96 10.35
CA PRO B 77 -10.29 10.23 10.12
C PRO B 77 -10.46 9.84 8.65
N LYS B 78 -11.12 8.69 8.44
CA LYS B 78 -11.42 8.25 7.08
C LYS B 78 -12.29 9.28 6.35
N SER B 79 -13.21 9.93 7.06
CA SER B 79 -14.08 10.91 6.44
C SER B 79 -13.30 12.14 5.95
N LEU B 80 -12.17 12.44 6.59
CA LEU B 80 -11.35 13.58 6.21
C LEU B 80 -10.24 13.20 5.22
N ALA B 81 -10.49 12.21 4.35
CA ALA B 81 -9.55 11.76 3.33
C ALA B 81 -8.26 11.21 3.95
N GLY B 82 -8.34 10.67 5.16
CA GLY B 82 -7.23 9.99 5.76
C GLY B 82 -7.05 8.61 5.16
N PRO B 83 -5.80 8.21 4.90
CA PRO B 83 -5.56 6.89 4.31
C PRO B 83 -5.89 5.78 5.30
N LEU B 84 -6.48 4.71 4.80
CA LEU B 84 -6.80 3.54 5.62
C LEU B 84 -5.55 2.67 5.70
N SER B 85 -4.60 3.12 6.53
CA SER B 85 -3.29 2.51 6.58
C SER B 85 -2.86 2.31 8.02
N HIS B 86 -2.05 1.26 8.25
CA HIS B 86 -1.32 1.15 9.50
C HIS B 86 -0.33 2.28 9.67
N HIS B 87 0.08 2.92 8.57
CA HIS B 87 0.97 4.07 8.64
C HIS B 87 0.27 5.29 9.25
N ASN B 88 -1.05 5.30 9.26
CA ASN B 88 -1.86 6.40 9.83
C ASN B 88 -2.30 6.08 11.26
N THR B 89 -1.37 5.60 12.08
CA THR B 89 -1.68 5.20 13.45
C THR B 89 -0.58 5.69 14.39
N ARG B 90 -0.91 5.73 15.68
CA ARG B 90 0.05 6.08 16.71
C ARG B 90 -0.39 5.45 18.02
N GLU B 91 0.59 4.92 18.77
CA GLU B 91 0.28 4.17 19.98
C GLU B 91 -0.32 5.08 21.04
N GLY B 92 -1.40 4.62 21.67
CA GLY B 92 -2.06 5.40 22.70
C GLY B 92 -3.03 6.44 22.20
N TYR B 93 -3.23 6.56 20.89
CA TYR B 93 -4.16 7.54 20.34
C TYR B 93 -5.16 6.85 19.43
N ARG B 94 -6.34 7.42 19.34
CA ARG B 94 -7.41 6.95 18.47
C ARG B 94 -7.79 8.08 17.52
N THR B 95 -8.81 7.82 16.70
CA THR B 95 -9.21 8.78 15.68
C THR B 95 -9.50 10.14 16.30
N GLN B 96 -8.93 11.19 15.69
CA GLN B 96 -9.13 12.56 16.14
C GLN B 96 -10.34 13.15 15.41
N MET B 97 -11.51 12.63 15.77
CA MET B 97 -12.74 13.11 15.17
C MET B 97 -12.99 14.57 15.51
N LYS B 98 -12.83 14.93 16.78
CA LYS B 98 -13.09 16.29 17.25
C LYS B 98 -11.78 17.07 17.32
N GLY B 99 -11.25 17.39 16.13
CA GLY B 99 -10.03 18.15 16.03
C GLY B 99 -10.25 19.51 15.38
N PRO B 100 -9.16 20.38 15.38
CA PRO B 100 -9.27 21.73 14.79
C PRO B 100 -9.19 21.70 13.27
N TRP B 101 -10.12 20.96 12.66
CA TRP B 101 -10.11 20.76 11.21
C TRP B 101 -10.65 21.96 10.45
N HIS B 102 -11.13 23.00 11.13
CA HIS B 102 -11.61 24.19 10.44
C HIS B 102 -10.46 24.99 9.83
N SER B 103 -9.27 24.88 10.40
CA SER B 103 -8.15 25.72 9.95
C SER B 103 -7.70 25.32 8.55
N GLU B 104 -7.03 26.26 7.89
CA GLU B 104 -6.57 26.02 6.52
C GLU B 104 -5.25 25.24 6.51
N GLU B 105 -4.23 25.76 7.16
CA GLU B 105 -2.94 25.10 7.23
C GLU B 105 -2.84 24.38 8.57
N LEU B 106 -2.65 23.07 8.53
CA LEU B 106 -2.56 22.25 9.72
C LEU B 106 -1.30 21.41 9.65
N GLU B 107 -0.56 21.35 10.76
CA GLU B 107 0.58 20.46 10.85
C GLU B 107 0.39 19.57 12.07
N ILE B 108 0.39 18.27 11.86
CA ILE B 108 0.34 17.30 12.95
C ILE B 108 1.78 16.92 13.30
N ARG B 109 2.12 17.05 14.57
CA ARG B 109 3.46 16.71 15.03
C ARG B 109 3.37 16.21 16.46
N PHE B 110 4.33 15.37 16.83
CA PHE B 110 4.37 14.77 18.16
C PHE B 110 5.46 15.50 18.95
N GLU B 111 5.05 16.54 19.65
CA GLU B 111 5.92 17.41 20.42
C GLU B 111 5.05 18.23 21.36
N GLU B 112 5.59 18.56 22.53
CA GLU B 112 4.86 19.43 23.44
C GLU B 112 4.75 20.83 22.86
N CYS B 113 3.66 21.50 23.20
CA CYS B 113 3.53 22.90 22.81
C CYS B 113 4.58 23.72 23.56
N PRO B 114 4.97 24.89 23.03
CA PRO B 114 6.13 25.60 23.59
C PRO B 114 6.08 25.89 25.08
N GLY B 115 4.93 26.22 25.65
CA GLY B 115 4.88 26.50 27.06
C GLY B 115 4.12 25.48 27.88
N THR B 116 4.16 24.22 27.46
CA THR B 116 3.41 23.16 28.13
C THR B 116 4.29 21.93 28.36
N LYS B 117 3.79 21.06 29.24
CA LYS B 117 4.38 19.76 29.52
C LYS B 117 3.23 18.81 29.76
N VAL B 118 3.44 17.54 29.39
CA VAL B 118 2.39 16.53 29.51
C VAL B 118 2.93 15.35 30.30
N HIS B 119 2.10 14.83 31.21
CA HIS B 119 2.45 13.70 32.05
C HIS B 119 1.43 12.59 31.89
N VAL B 120 1.90 11.35 32.04
CA VAL B 120 1.03 10.17 31.94
C VAL B 120 0.40 9.94 33.30
N GLU B 121 -0.86 10.35 33.44
CA GLU B 121 -1.62 10.21 34.68
C GLU B 121 -2.93 9.50 34.35
N GLU B 122 -3.07 8.25 34.83
CA GLU B 122 -4.34 7.55 34.65
C GLU B 122 -5.49 8.25 35.36
N THR B 123 -5.18 9.13 36.31
CA THR B 123 -6.18 9.93 37.02
C THR B 123 -6.39 11.27 36.30
N CYS B 124 -6.83 11.18 35.05
CA CYS B 124 -6.97 12.36 34.21
C CYS B 124 -8.28 12.29 33.44
N GLY B 125 -8.67 13.42 32.86
CA GLY B 125 -9.92 13.50 32.14
C GLY B 125 -9.93 12.63 30.89
N THR B 126 -11.14 12.33 30.43
CA THR B 126 -11.35 11.43 29.31
C THR B 126 -11.31 12.20 27.99
N ARG B 127 -11.51 11.45 26.89
CA ARG B 127 -11.48 12.05 25.56
C ARG B 127 -12.58 13.09 25.39
N GLY B 128 -12.20 14.21 24.78
CA GLY B 128 -13.13 15.27 24.48
C GLY B 128 -12.65 16.06 23.27
N PRO B 129 -13.37 17.13 22.93
CA PRO B 129 -12.96 17.95 21.79
C PRO B 129 -11.56 18.52 22.01
N SER B 130 -10.82 18.67 20.90
CA SER B 130 -9.45 19.15 21.00
C SER B 130 -9.43 20.57 21.57
N LEU B 131 -8.45 20.83 22.42
CA LEU B 131 -8.34 22.09 23.15
C LEU B 131 -7.12 22.88 22.68
N ARG B 132 -7.28 24.19 22.59
CA ARG B 132 -6.13 25.05 22.32
C ARG B 132 -5.26 25.13 23.57
N SER B 133 -3.99 25.45 23.35
CA SER B 133 -3.04 25.60 24.45
C SER B 133 -3.03 27.00 25.04
N THR B 134 -3.76 27.93 24.44
CA THR B 134 -3.86 29.30 24.93
C THR B 134 -5.32 29.64 25.17
N THR B 135 -5.59 30.28 26.30
CA THR B 135 -6.95 30.66 26.63
C THR B 135 -7.45 31.71 25.65
N ALA B 136 -8.77 31.95 25.69
CA ALA B 136 -9.33 33.06 24.92
C ALA B 136 -8.73 34.39 25.35
N SER B 137 -8.31 34.49 26.62
CA SER B 137 -7.55 35.65 27.06
C SER B 137 -6.14 35.65 26.48
N GLY B 138 -5.62 34.50 26.09
CA GLY B 138 -4.31 34.42 25.46
C GLY B 138 -3.17 33.92 26.32
N ARG B 139 -3.45 33.40 27.52
CA ARG B 139 -2.39 32.93 28.39
C ARG B 139 -2.18 31.42 28.24
N VAL B 140 -0.93 31.00 28.41
CA VAL B 140 -0.55 29.62 28.23
C VAL B 140 -1.10 28.77 29.36
N ILE B 141 -1.39 27.51 29.07
CA ILE B 141 -1.82 26.53 30.07
C ILE B 141 -0.70 25.51 30.18
N GLU B 142 0.08 25.60 31.26
CA GLU B 142 1.32 24.85 31.33
C GLU B 142 1.08 23.35 31.48
N GLU B 143 0.12 22.96 32.32
CA GLU B 143 0.00 21.58 32.75
C GLU B 143 -1.17 20.91 32.04
N TRP B 144 -0.90 19.76 31.43
CA TRP B 144 -1.88 18.91 30.79
C TRP B 144 -1.60 17.48 31.23
N CYS B 145 -2.63 16.64 31.16
CA CYS B 145 -2.48 15.27 31.60
C CYS B 145 -2.97 14.31 30.53
N CYS B 146 -2.46 13.08 30.63
CA CYS B 146 -2.84 11.99 29.76
C CYS B 146 -2.94 10.72 30.59
N ARG B 147 -3.91 9.87 30.23
CA ARG B 147 -4.13 8.62 30.94
C ARG B 147 -3.53 7.41 30.23
N GLU B 148 -3.62 7.35 28.90
CA GLU B 148 -3.16 6.19 28.15
C GLU B 148 -2.27 6.51 26.96
N CYS B 149 -2.30 7.73 26.43
CA CYS B 149 -1.50 8.08 25.27
C CYS B 149 0.00 7.99 25.60
N THR B 150 0.82 8.00 24.55
CA THR B 150 2.26 7.90 24.68
C THR B 150 2.91 9.24 24.36
N MET B 151 4.19 9.33 24.71
CA MET B 151 4.97 10.53 24.46
C MET B 151 5.96 10.26 23.33
N PRO B 152 6.29 11.28 22.52
CA PRO B 152 5.84 12.68 22.58
C PRO B 152 4.34 12.86 22.32
N PRO B 153 3.76 13.94 22.86
CA PRO B 153 2.31 14.11 22.76
C PRO B 153 1.88 14.61 21.38
N LEU B 154 0.77 14.07 20.90
CA LEU B 154 0.19 14.51 19.65
C LEU B 154 -0.30 15.95 19.79
N SER B 155 0.10 16.81 18.86
CA SER B 155 -0.28 18.22 18.90
C SER B 155 -0.61 18.71 17.49
N PHE B 156 -1.35 19.81 17.43
CA PHE B 156 -1.71 20.47 16.19
C PHE B 156 -1.14 21.88 16.18
N ARG B 157 -0.39 22.21 15.14
CA ARG B 157 0.19 23.54 14.97
C ARG B 157 -0.58 24.26 13.88
N ALA B 158 -1.31 25.30 14.24
CA ALA B 158 -2.12 26.06 13.30
C ALA B 158 -1.72 27.52 13.36
N LYS B 159 -2.39 28.33 12.55
CA LYS B 159 -2.11 29.76 12.49
C LYS B 159 -2.40 30.43 13.83
N ASP B 160 -3.42 29.95 14.54
CA ASP B 160 -3.86 30.57 15.80
C ASP B 160 -3.16 29.99 17.03
N GLY B 161 -2.25 29.05 16.87
CA GLY B 161 -1.52 28.52 18.01
C GLY B 161 -1.36 27.01 18.01
N CYS B 162 -1.21 26.42 19.20
CA CYS B 162 -0.96 25.00 19.35
C CYS B 162 -2.20 24.33 19.92
N TRP B 163 -2.66 23.27 19.27
CA TRP B 163 -3.78 22.47 19.75
C TRP B 163 -3.28 21.09 20.17
N TYR B 164 -3.82 20.60 21.28
CA TYR B 164 -3.45 19.29 21.79
C TYR B 164 -4.49 18.26 21.39
N GLY B 165 -4.07 17.00 21.38
CA GLY B 165 -4.96 15.92 21.01
C GLY B 165 -6.08 15.71 22.01
N MET B 166 -7.06 14.91 21.59
CA MET B 166 -8.22 14.65 22.44
C MET B 166 -7.82 13.94 23.71
N GLU B 167 -6.93 12.94 23.61
CA GLU B 167 -6.49 12.19 24.78
C GLU B 167 -5.80 13.08 25.81
N ILE B 168 -5.29 14.24 25.40
CA ILE B 168 -4.53 15.12 26.27
C ILE B 168 -5.47 16.18 26.84
N ARG B 169 -5.59 16.21 28.16
CA ARG B 169 -6.52 17.08 28.84
C ARG B 169 -5.80 17.89 29.91
N PRO B 170 -6.34 19.06 30.25
CA PRO B 170 -5.73 19.86 31.32
C PRO B 170 -6.21 19.40 32.70
N ARG B 171 -5.42 19.74 33.71
CA ARG B 171 -5.71 19.37 35.09
C ARG B 171 -6.42 20.47 35.86
N LYS B 172 -5.91 21.69 35.78
CA LYS B 172 -6.37 22.81 36.59
C LYS B 172 -7.15 23.84 35.78
N GLU B 173 -8.00 23.39 34.86
CA GLU B 173 -8.79 24.35 34.08
C GLU B 173 -10.28 24.05 34.18
N PRO B 174 -11.11 25.08 34.37
CA PRO B 174 -12.55 24.87 34.60
C PRO B 174 -13.38 24.56 33.36
N GLU B 175 -12.73 24.10 32.29
CA GLU B 175 -13.38 23.73 31.03
C GLU B 175 -14.08 24.89 30.32
N SER B 176 -14.24 26.02 31.01
CA SER B 176 -14.92 27.17 30.41
C SER B 176 -13.97 28.15 29.73
N ASN B 177 -12.76 28.29 30.27
CA ASN B 177 -11.79 29.22 29.69
C ASN B 177 -11.25 28.74 28.36
N LEU B 178 -11.16 27.42 28.17
CA LEU B 178 -10.45 26.88 27.02
C LEU B 178 -11.21 27.14 25.71
N VAL B 179 -10.49 27.03 24.61
CA VAL B 179 -11.06 27.10 23.27
C VAL B 179 -11.20 25.67 22.76
N ARG B 180 -12.42 25.27 22.43
CA ARG B 180 -12.72 23.91 22.02
C ARG B 180 -13.15 23.89 20.57
N SER B 181 -12.54 23.01 19.78
CA SER B 181 -13.00 22.83 18.41
C SER B 181 -14.39 22.23 18.40
N MET B 182 -15.23 22.71 17.48
CA MET B 182 -16.61 22.23 17.38
C MET B 182 -16.88 21.78 15.94
N VAL B 183 -16.08 20.81 15.49
CA VAL B 183 -16.24 20.17 14.19
C VAL B 183 -15.97 18.69 14.39
N THR B 184 -16.55 17.87 13.51
CA THR B 184 -16.37 16.42 13.59
C THR B 184 -16.25 15.82 12.20
#